data_1FOT
#
_entry.id   1FOT
#
_cell.length_a   61.000
_cell.length_b   61.000
_cell.length_c   322.000
_cell.angle_alpha   90.00
_cell.angle_beta   90.00
_cell.angle_gamma   120.00
#
_symmetry.space_group_name_H-M   'P 65 2 2'
#
loop_
_entity.id
_entity.type
_entity.pdbx_description
1 polymer 'CAMP-DEPENDENT PROTEIN KINASE TYPE 1'
2 water water
#
_entity_poly.entity_id   1
_entity_poly.type   'polypeptide(L)'
_entity_poly.pdbx_seq_one_letter_code
;PKYSLQDFQILRTLGTGSFGRVHLIRSRHNGRYYAMKVLKKEIVVRLKQVEHTNDERLMLSIVTHPFIIRMWGTFQDAQQ
IFMIMDYIEGGELFSLLRKSQRFPNPVAKFYAAEVCLALEYLHSKDIIYRDLKPENILLDKNGHIKITDFGFAKYVPDVT
Y(TPO)LCGTPDYIAPEVVSTKPYNKSIDWWSFGILIYEMLAGYTPFYDSNTMKTYEKILNAELRFPPFFNEDVKDLLSR
LITRDLSQRLGNLQNGTEDVKNHPWFKEVVWEKLLSRNIETPYEPPIQQGQGDTSQFDKYPEEDINYGVQGEDPYADLFR
DF
;
_entity_poly.pdbx_strand_id   A
#
# COMPACT_ATOMS: atom_id res chain seq x y z
N TYR A 3 -13.17 4.06 22.49
CA TYR A 3 -11.83 3.44 22.67
C TYR A 3 -10.92 4.27 23.55
N SER A 4 -10.27 3.61 24.50
CA SER A 4 -9.40 4.28 25.45
C SER A 4 -8.17 3.44 25.77
N LEU A 5 -7.13 4.11 26.27
CA LEU A 5 -5.89 3.42 26.59
C LEU A 5 -6.10 2.33 27.63
N GLN A 6 -7.13 2.49 28.45
CA GLN A 6 -7.44 1.52 29.51
C GLN A 6 -8.29 0.39 28.95
N ASP A 7 -8.75 0.56 27.71
CA ASP A 7 -9.57 -0.45 27.06
C ASP A 7 -8.71 -1.60 26.55
N PHE A 8 -7.39 -1.44 26.62
CA PHE A 8 -6.47 -2.46 26.13
C PHE A 8 -5.34 -2.72 27.10
N GLN A 9 -4.52 -3.70 26.76
CA GLN A 9 -3.36 -4.03 27.56
C GLN A 9 -2.17 -4.28 26.64
N ILE A 10 -1.24 -3.34 26.66
CA ILE A 10 -0.01 -3.40 25.87
C ILE A 10 0.73 -4.70 26.14
N LEU A 11 1.32 -5.28 25.10
CA LEU A 11 2.05 -6.53 25.25
C LEU A 11 3.52 -6.44 24.88
N ARG A 12 3.80 -5.74 23.78
CA ARG A 12 5.18 -5.58 23.35
C ARG A 12 5.33 -4.68 22.14
N THR A 13 6.52 -4.07 22.03
CA THR A 13 6.87 -3.21 20.92
C THR A 13 7.13 -4.07 19.70
N LEU A 14 6.47 -3.73 18.60
CA LEU A 14 6.63 -4.46 17.37
C LEU A 14 7.71 -3.77 16.55
N GLY A 15 7.81 -2.46 16.69
CA GLY A 15 8.80 -1.73 15.94
C GLY A 15 8.90 -0.28 16.37
N THR A 16 9.93 0.38 15.85
CA THR A 16 10.20 1.77 16.16
C THR A 16 10.10 2.67 14.94
N GLY A 17 9.03 3.45 14.88
CA GLY A 17 8.84 4.36 13.77
C GLY A 17 9.63 5.64 13.97
N SER A 18 9.53 6.54 13.01
CA SER A 18 10.23 7.81 13.11
C SER A 18 9.50 8.67 14.15
N PHE A 19 8.17 8.59 14.14
CA PHE A 19 7.32 9.36 15.04
C PHE A 19 7.04 8.65 16.36
N GLY A 20 7.58 7.44 16.51
CA GLY A 20 7.35 6.70 17.73
C GLY A 20 7.16 5.20 17.50
N ARG A 21 7.07 4.47 18.60
CA ARG A 21 6.85 3.04 18.54
C ARG A 21 5.46 2.63 18.05
N VAL A 22 5.25 1.32 18.02
CA VAL A 22 3.93 0.74 17.86
C VAL A 22 4.09 -0.57 18.63
N HIS A 23 2.85 -0.85 19.00
CA HIS A 23 2.66 -1.89 20.00
C HIS A 23 1.69 -3.00 19.65
N LEU A 24 1.85 -4.13 20.35
CA LEU A 24 0.97 -5.27 20.20
C LEU A 24 -0.01 -5.12 21.37
N ILE A 25 -1.30 -5.03 21.08
CA ILE A 25 -2.28 -4.90 22.16
C ILE A 25 -3.44 -5.87 22.05
N ARG A 26 -3.95 -6.25 23.21
CA ARG A 26 -5.06 -7.19 23.33
C ARG A 26 -6.22 -6.37 23.90
N SER A 27 -7.41 -6.50 23.34
CA SER A 27 -8.55 -5.77 23.91
C SER A 27 -8.89 -6.49 25.19
N ARG A 28 -9.14 -5.75 26.26
CA ARG A 28 -9.48 -6.41 27.51
C ARG A 28 -10.99 -6.46 27.65
N HIS A 29 -11.66 -6.65 26.52
CA HIS A 29 -13.12 -6.74 26.48
C HIS A 29 -13.52 -7.97 25.68
N ASN A 30 -12.70 -8.29 24.68
CA ASN A 30 -12.96 -9.43 23.82
C ASN A 30 -11.68 -10.20 23.49
N GLY A 31 -10.57 -9.79 24.08
CA GLY A 31 -9.31 -10.46 23.84
C GLY A 31 -8.88 -10.53 22.40
N ARG A 32 -9.20 -9.47 21.65
CA ARG A 32 -8.85 -9.37 20.24
C ARG A 32 -7.49 -8.70 20.17
N TYR A 33 -6.80 -8.81 19.05
CA TYR A 33 -5.49 -8.18 18.91
C TYR A 33 -5.46 -7.04 17.92
N TYR A 34 -4.61 -6.04 18.20
CA TYR A 34 -4.46 -4.90 17.31
C TYR A 34 -3.04 -4.40 17.39
N ALA A 35 -2.72 -3.40 16.58
CA ALA A 35 -1.39 -2.81 16.61
C ALA A 35 -1.59 -1.33 16.93
N MET A 36 -0.93 -0.86 17.99
CA MET A 36 -1.05 0.53 18.36
C MET A 36 0.09 1.34 17.74
N LYS A 37 -0.25 2.17 16.77
CA LYS A 37 0.78 2.99 16.18
C LYS A 37 0.71 4.27 16.98
N VAL A 38 1.82 4.62 17.63
CA VAL A 38 1.88 5.83 18.46
C VAL A 38 2.73 6.89 17.78
N LEU A 39 2.24 8.11 17.75
CA LEU A 39 3.02 9.20 17.16
C LEU A 39 3.09 10.35 18.13
N LYS A 40 4.31 10.74 18.45
CA LYS A 40 4.58 11.85 19.36
C LYS A 40 4.26 13.12 18.57
N LYS A 41 3.35 13.93 19.10
CA LYS A 41 2.95 15.16 18.41
C LYS A 41 4.16 16.08 18.28
N GLU A 42 4.84 16.30 19.40
CA GLU A 42 6.00 17.15 19.46
C GLU A 42 6.83 16.98 18.17
N ILE A 43 7.12 15.73 17.82
CA ILE A 43 7.89 15.43 16.61
C ILE A 43 7.15 15.69 15.30
N VAL A 44 6.02 15.01 15.11
CA VAL A 44 5.21 15.16 13.90
C VAL A 44 5.24 16.59 13.38
N VAL A 45 5.19 17.54 14.31
CA VAL A 45 5.20 18.94 13.94
C VAL A 45 6.63 19.47 13.70
N ARG A 46 7.59 19.07 14.55
CA ARG A 46 8.97 19.51 14.38
C ARG A 46 9.31 19.20 12.93
N LEU A 47 8.86 18.04 12.47
CA LEU A 47 9.11 17.61 11.10
C LEU A 47 8.08 18.12 10.09
N LYS A 48 7.30 19.14 10.46
CA LYS A 48 6.31 19.68 9.54
C LYS A 48 5.46 18.59 8.88
N GLN A 49 5.14 17.54 9.62
CA GLN A 49 4.37 16.43 9.07
C GLN A 49 2.96 16.26 9.63
N VAL A 50 2.28 17.37 9.88
CA VAL A 50 0.93 17.33 10.42
C VAL A 50 -0.13 16.89 9.41
N GLU A 51 -0.19 17.60 8.29
CA GLU A 51 -1.15 17.31 7.22
C GLU A 51 -1.10 15.84 6.84
N HIS A 52 0.05 15.41 6.37
CA HIS A 52 0.28 14.03 5.96
C HIS A 52 -0.32 13.05 6.95
N THR A 53 -0.25 13.39 8.22
CA THR A 53 -0.76 12.54 9.27
C THR A 53 -2.28 12.52 9.36
N ASN A 54 -2.92 13.68 9.27
CA ASN A 54 -4.38 13.76 9.32
C ASN A 54 -5.04 13.13 8.08
N ASP A 55 -4.49 13.41 6.91
CA ASP A 55 -5.02 12.89 5.66
C ASP A 55 -5.03 11.36 5.61
N GLU A 56 -4.10 10.74 6.32
CA GLU A 56 -4.03 9.28 6.35
C GLU A 56 -5.21 8.76 7.17
N ARG A 57 -5.46 9.43 8.29
CA ARG A 57 -6.54 9.06 9.18
C ARG A 57 -7.86 9.12 8.44
N LEU A 58 -8.07 10.19 7.69
CA LEU A 58 -9.31 10.34 6.94
C LEU A 58 -9.45 9.19 5.96
N MET A 59 -8.48 9.02 5.08
CA MET A 59 -8.52 7.93 4.12
C MET A 59 -8.93 6.64 4.80
N LEU A 60 -8.19 6.25 5.82
CA LEU A 60 -8.48 5.04 6.55
C LEU A 60 -9.87 5.01 7.16
N SER A 61 -10.47 6.18 7.35
CA SER A 61 -11.80 6.25 7.92
C SER A 61 -12.87 6.00 6.86
N ILE A 62 -12.55 6.28 5.60
CA ILE A 62 -13.53 6.12 4.54
C ILE A 62 -13.24 4.96 3.57
N VAL A 63 -12.38 4.03 3.96
CA VAL A 63 -12.09 2.90 3.08
C VAL A 63 -12.16 1.58 3.82
N THR A 64 -12.99 0.69 3.29
CA THR A 64 -13.17 -0.63 3.85
C THR A 64 -13.04 -1.66 2.75
N HIS A 65 -12.10 -2.57 2.89
CA HIS A 65 -11.93 -3.61 1.90
C HIS A 65 -11.24 -4.84 2.50
N PRO A 66 -11.59 -6.03 2.03
CA PRO A 66 -10.91 -7.18 2.64
C PRO A 66 -9.39 -7.00 2.61
N PHE A 67 -8.91 -6.53 1.46
CA PHE A 67 -7.47 -6.34 1.21
C PHE A 67 -6.81 -5.02 1.54
N ILE A 68 -7.57 -4.11 2.15
CA ILE A 68 -7.05 -2.83 2.58
C ILE A 68 -7.07 -2.92 4.10
N ILE A 69 -5.95 -2.59 4.72
CA ILE A 69 -5.80 -2.61 6.16
C ILE A 69 -6.90 -1.79 6.83
N ARG A 70 -7.26 -2.14 8.06
CA ARG A 70 -8.33 -1.43 8.78
C ARG A 70 -7.88 -0.73 10.06
N MET A 71 -8.49 0.44 10.31
CA MET A 71 -8.23 1.25 11.48
C MET A 71 -9.55 1.36 12.23
N TRP A 72 -9.65 0.71 13.39
CA TRP A 72 -10.87 0.72 14.18
C TRP A 72 -11.09 2.00 14.98
N GLY A 73 -10.08 2.86 14.99
CA GLY A 73 -10.24 4.10 15.73
C GLY A 73 -8.95 4.71 16.21
N THR A 74 -9.09 5.90 16.79
CA THR A 74 -7.95 6.62 17.31
C THR A 74 -8.28 7.12 18.71
N PHE A 75 -7.44 8.02 19.20
CA PHE A 75 -7.55 8.66 20.49
C PHE A 75 -6.18 9.23 20.81
N GLN A 76 -6.13 10.16 21.75
CA GLN A 76 -4.86 10.80 22.05
C GLN A 76 -4.83 11.29 23.46
N ASP A 77 -3.62 11.40 24.01
CA ASP A 77 -3.45 11.94 25.35
C ASP A 77 -2.79 13.29 25.10
N ALA A 78 -2.19 13.86 26.14
CA ALA A 78 -1.57 15.17 25.98
C ALA A 78 -0.29 15.25 25.15
N GLN A 79 0.26 14.11 24.73
CA GLN A 79 1.51 14.17 23.98
C GLN A 79 1.70 13.33 22.73
N GLN A 80 0.75 12.45 22.45
CA GLN A 80 0.87 11.61 21.26
C GLN A 80 -0.50 11.06 20.88
N ILE A 81 -0.66 10.73 19.61
CA ILE A 81 -1.89 10.16 19.13
C ILE A 81 -1.77 8.65 19.01
N PHE A 82 -2.90 7.97 19.04
CA PHE A 82 -2.91 6.52 18.96
C PHE A 82 -3.74 6.05 17.79
N MET A 83 -3.26 5.04 17.10
CA MET A 83 -3.97 4.49 15.96
C MET A 83 -4.13 2.98 16.14
N ILE A 84 -5.35 2.58 16.46
CA ILE A 84 -5.70 1.18 16.67
C ILE A 84 -5.84 0.58 15.28
N MET A 85 -5.07 -0.45 14.96
CA MET A 85 -5.15 -1.04 13.64
C MET A 85 -5.04 -2.55 13.60
N ASP A 86 -5.42 -3.11 12.47
CA ASP A 86 -5.35 -4.54 12.27
C ASP A 86 -3.97 -5.02 12.64
N TYR A 87 -3.92 -6.22 13.19
CA TYR A 87 -2.65 -6.79 13.55
C TYR A 87 -2.29 -7.79 12.47
N ILE A 88 -1.33 -7.45 11.62
CA ILE A 88 -0.93 -8.36 10.55
C ILE A 88 0.29 -9.18 10.93
N GLU A 89 0.04 -10.49 11.02
CA GLU A 89 1.01 -11.50 11.45
C GLU A 89 2.26 -11.64 10.61
N GLY A 90 2.07 -11.53 9.34
CA GLY A 90 2.85 -12.30 8.38
C GLY A 90 4.01 -11.64 7.65
N GLY A 91 4.23 -10.35 7.82
CA GLY A 91 5.42 -9.83 7.20
C GLY A 91 5.05 -8.99 5.99
N GLU A 92 6.04 -8.57 5.18
CA GLU A 92 5.78 -7.65 4.08
C GLU A 92 6.19 -8.40 2.81
N LEU A 93 5.42 -8.27 1.76
CA LEU A 93 5.75 -8.96 0.54
C LEU A 93 7.21 -8.74 0.10
N PHE A 94 7.83 -7.65 0.53
CA PHE A 94 9.20 -7.39 0.10
C PHE A 94 10.23 -8.38 0.59
N SER A 95 10.26 -8.57 1.90
CA SER A 95 11.21 -9.49 2.52
C SER A 95 10.92 -10.92 2.13
N LEU A 96 9.67 -11.20 1.79
CA LEU A 96 9.29 -12.53 1.37
C LEU A 96 9.96 -12.75 0.02
N LEU A 97 9.91 -11.69 -0.79
CA LEU A 97 10.49 -11.69 -2.13
C LEU A 97 11.99 -11.89 -2.10
N ARG A 98 12.69 -10.99 -1.42
CA ARG A 98 14.13 -11.07 -1.30
C ARG A 98 14.58 -12.44 -0.81
N LYS A 99 13.88 -13.00 0.19
CA LYS A 99 14.28 -14.29 0.75
C LYS A 99 14.11 -15.40 -0.29
N SER A 100 13.32 -15.08 -1.32
CA SER A 100 13.19 -15.91 -2.51
C SER A 100 13.21 -15.20 -3.87
N GLN A 101 14.50 -14.90 -3.98
CA GLN A 101 14.82 -14.19 -5.21
C GLN A 101 13.85 -13.58 -6.21
N ARG A 102 12.99 -14.44 -6.74
CA ARG A 102 11.86 -14.11 -7.56
C ARG A 102 10.69 -15.04 -7.27
N PHE A 103 9.52 -14.55 -7.65
CA PHE A 103 8.26 -15.22 -7.52
C PHE A 103 7.94 -15.94 -8.82
N PRO A 104 7.15 -17.01 -8.74
CA PRO A 104 6.76 -17.74 -9.95
C PRO A 104 5.36 -17.32 -10.40
N ASN A 105 5.20 -17.23 -11.71
CA ASN A 105 3.97 -16.84 -12.37
C ASN A 105 2.66 -16.87 -11.56
N PRO A 106 2.28 -18.04 -11.02
CA PRO A 106 1.02 -18.09 -10.25
C PRO A 106 1.01 -17.32 -8.93
N VAL A 107 2.09 -17.43 -8.17
CA VAL A 107 2.21 -16.72 -6.91
C VAL A 107 2.08 -15.24 -7.21
N ALA A 108 2.91 -14.77 -8.14
CA ALA A 108 2.86 -13.40 -8.55
C ALA A 108 1.42 -13.11 -9.01
N LYS A 109 0.85 -14.02 -9.79
CA LYS A 109 -0.51 -13.87 -10.31
C LYS A 109 -1.52 -13.69 -9.19
N PHE A 110 -1.37 -14.47 -8.13
CA PHE A 110 -2.28 -14.39 -7.01
C PHE A 110 -2.26 -13.00 -6.38
N TYR A 111 -1.09 -12.60 -5.91
CA TYR A 111 -0.86 -11.30 -5.29
C TYR A 111 -1.32 -10.14 -6.16
N ALA A 112 -1.02 -10.23 -7.45
CA ALA A 112 -1.43 -9.21 -8.39
C ALA A 112 -2.94 -9.15 -8.41
N ALA A 113 -3.57 -10.32 -8.41
CA ALA A 113 -5.03 -10.40 -8.46
C ALA A 113 -5.70 -9.73 -7.26
N GLU A 114 -5.16 -9.92 -6.07
CA GLU A 114 -5.73 -9.32 -4.88
C GLU A 114 -5.48 -7.81 -4.89
N VAL A 115 -4.30 -7.40 -5.35
CA VAL A 115 -3.95 -5.98 -5.42
C VAL A 115 -4.86 -5.31 -6.44
N CYS A 116 -5.22 -6.07 -7.47
CA CYS A 116 -6.08 -5.57 -8.53
C CYS A 116 -7.43 -5.21 -7.93
N LEU A 117 -7.93 -6.13 -7.12
CA LEU A 117 -9.21 -5.96 -6.47
C LEU A 117 -9.29 -4.74 -5.56
N ALA A 118 -8.30 -4.53 -4.71
CA ALA A 118 -8.32 -3.38 -3.85
C ALA A 118 -8.19 -2.12 -4.70
N LEU A 119 -7.36 -2.18 -5.73
CA LEU A 119 -7.20 -1.01 -6.58
C LEU A 119 -8.53 -0.74 -7.26
N GLU A 120 -9.22 -1.80 -7.64
CA GLU A 120 -10.52 -1.63 -8.28
C GLU A 120 -11.42 -0.79 -7.38
N TYR A 121 -11.41 -1.16 -6.11
CA TYR A 121 -12.19 -0.49 -5.09
C TYR A 121 -11.77 0.97 -5.00
N LEU A 122 -10.57 1.20 -4.49
CA LEU A 122 -10.06 2.57 -4.34
C LEU A 122 -10.43 3.43 -5.56
N HIS A 123 -10.17 2.89 -6.74
CA HIS A 123 -10.47 3.62 -7.97
C HIS A 123 -11.95 3.96 -8.21
N SER A 124 -12.84 3.06 -7.80
CA SER A 124 -14.27 3.26 -7.97
C SER A 124 -14.80 4.40 -7.12
N LYS A 125 -13.90 5.03 -6.36
CA LYS A 125 -14.28 6.12 -5.51
C LYS A 125 -13.37 7.31 -5.78
N ASP A 126 -12.71 7.26 -6.92
CA ASP A 126 -11.77 8.29 -7.33
C ASP A 126 -10.68 8.52 -6.30
N ILE A 127 -10.23 7.43 -5.69
CA ILE A 127 -9.15 7.46 -4.72
C ILE A 127 -8.01 6.73 -5.39
N ILE A 128 -6.89 7.40 -5.54
CA ILE A 128 -5.71 6.70 -5.99
C ILE A 128 -4.75 6.53 -4.83
N TYR A 129 -4.28 5.30 -4.70
CA TYR A 129 -3.10 4.92 -3.91
C TYR A 129 -1.73 5.62 -4.17
N ARG A 130 -1.05 5.55 -5.33
CA ARG A 130 0.20 6.30 -5.38
C ARG A 130 1.46 5.82 -4.74
N ASP A 131 1.46 4.71 -4.00
CA ASP A 131 2.74 4.27 -3.41
C ASP A 131 2.82 2.75 -3.40
N LEU A 132 2.54 2.16 -4.57
CA LEU A 132 2.56 0.72 -4.72
C LEU A 132 3.98 0.19 -4.78
N LYS A 133 4.39 -0.51 -3.72
CA LYS A 133 5.72 -1.12 -3.58
C LYS A 133 5.46 -2.47 -2.94
N PRO A 134 6.44 -3.38 -2.98
CA PRO A 134 6.21 -4.69 -2.34
C PRO A 134 6.25 -4.43 -0.84
N GLU A 135 6.91 -3.32 -0.49
CA GLU A 135 7.09 -2.91 0.91
C GLU A 135 5.80 -2.53 1.64
N ASN A 136 4.80 -2.04 0.93
CA ASN A 136 3.55 -1.66 1.58
C ASN A 136 2.50 -2.77 1.56
N ILE A 137 2.85 -3.92 1.01
CA ILE A 137 1.91 -5.01 0.94
C ILE A 137 2.25 -6.02 2.03
N LEU A 138 1.34 -6.19 2.98
CA LEU A 138 1.56 -7.13 4.07
C LEU A 138 0.72 -8.38 3.87
N LEU A 139 1.19 -9.49 4.44
CA LEU A 139 0.49 -10.77 4.35
C LEU A 139 0.00 -11.19 5.73
N ASP A 140 -1.27 -11.57 5.83
CA ASP A 140 -1.84 -12.02 7.09
C ASP A 140 -1.81 -13.53 7.21
N LYS A 141 -1.75 -14.02 8.43
CA LYS A 141 -1.70 -15.46 8.74
C LYS A 141 -2.19 -16.41 7.65
N ASN A 142 -3.43 -16.25 7.18
CA ASN A 142 -3.95 -17.16 6.16
C ASN A 142 -3.38 -16.92 4.76
N GLY A 143 -2.39 -16.04 4.67
CA GLY A 143 -1.76 -15.78 3.38
C GLY A 143 -2.32 -14.72 2.46
N HIS A 144 -3.39 -14.04 2.87
CA HIS A 144 -3.97 -13.01 2.03
C HIS A 144 -3.19 -11.70 2.12
N ILE A 145 -3.59 -10.73 1.30
CA ILE A 145 -2.94 -9.45 1.24
C ILE A 145 -3.62 -8.33 2.01
N LYS A 146 -2.79 -7.36 2.42
CA LYS A 146 -3.27 -6.21 3.15
C LYS A 146 -2.39 -5.03 2.74
N ILE A 147 -2.95 -4.15 1.92
CA ILE A 147 -2.27 -2.96 1.45
C ILE A 147 -2.24 -2.00 2.62
N THR A 148 -1.09 -1.40 2.87
CA THR A 148 -0.94 -0.50 4.01
C THR A 148 -0.39 0.87 3.61
N ASP A 149 -0.31 1.76 4.59
CA ASP A 149 0.21 3.10 4.39
C ASP A 149 -0.54 3.88 3.31
N PHE A 150 -1.57 4.60 3.72
CA PHE A 150 -2.35 5.38 2.77
C PHE A 150 -1.96 6.85 2.90
N GLY A 151 -0.68 7.08 3.17
CA GLY A 151 -0.18 8.43 3.33
C GLY A 151 -0.22 9.26 2.06
N PHE A 152 -0.15 8.60 0.91
CA PHE A 152 -0.15 9.31 -0.37
C PHE A 152 -1.45 9.21 -1.17
N ALA A 153 -2.44 8.47 -0.66
CA ALA A 153 -3.71 8.34 -1.37
C ALA A 153 -4.47 9.65 -1.37
N LYS A 154 -5.00 10.05 -2.51
CA LYS A 154 -5.76 11.29 -2.59
C LYS A 154 -7.07 11.07 -3.35
N TYR A 155 -8.08 11.86 -3.00
CA TYR A 155 -9.36 11.77 -3.69
C TYR A 155 -9.19 12.60 -4.97
N VAL A 156 -8.94 11.94 -6.08
CA VAL A 156 -8.73 12.63 -7.33
C VAL A 156 -9.77 12.32 -8.41
N PRO A 157 -10.82 13.17 -8.49
CA PRO A 157 -11.94 13.08 -9.44
C PRO A 157 -11.50 13.33 -10.88
N ASP A 158 -10.56 14.26 -11.05
CA ASP A 158 -10.04 14.60 -12.37
C ASP A 158 -8.51 14.41 -12.37
N VAL A 159 -7.75 15.50 -12.22
CA VAL A 159 -6.31 15.36 -12.19
C VAL A 159 -5.66 15.90 -10.93
N THR A 160 -4.32 15.70 -10.79
CA THR A 160 -3.54 16.14 -9.66
C THR A 160 -2.10 16.39 -10.05
N TYR A 161 -1.26 16.88 -9.14
CA TYR A 161 0.09 17.22 -9.54
C TYR A 161 1.26 16.68 -8.71
N LEU A 163 4.19 15.40 -7.05
CA LEU A 163 5.01 14.25 -7.48
C LEU A 163 5.45 13.48 -6.28
N CYS A 164 5.09 12.27 -5.98
CA CYS A 164 5.48 11.52 -4.81
C CYS A 164 5.62 10.05 -5.19
N GLY A 165 5.85 9.21 -4.20
CA GLY A 165 5.98 7.79 -4.48
C GLY A 165 7.42 7.35 -4.34
N THR A 166 7.73 6.23 -4.96
CA THR A 166 9.06 5.65 -4.88
C THR A 166 9.65 5.54 -6.29
N PRO A 167 10.74 6.28 -6.54
CA PRO A 167 11.47 6.37 -7.81
C PRO A 167 11.26 5.30 -8.87
N ASP A 168 11.46 4.04 -8.54
CA ASP A 168 11.31 2.98 -9.54
C ASP A 168 9.86 2.68 -9.94
N TYR A 169 9.01 2.56 -8.93
CA TYR A 169 7.61 2.25 -9.18
C TYR A 169 6.80 3.43 -9.70
N ILE A 170 7.44 4.58 -9.86
CA ILE A 170 6.79 5.79 -10.35
C ILE A 170 6.56 5.82 -11.85
N ALA A 171 5.51 6.53 -12.27
CA ALA A 171 5.13 6.64 -13.68
C ALA A 171 5.73 7.88 -14.35
N PRO A 172 5.92 7.84 -15.68
CA PRO A 172 6.49 8.95 -16.47
C PRO A 172 5.80 10.29 -16.27
N GLU A 173 4.49 10.33 -16.45
CA GLU A 173 3.75 11.57 -16.32
C GLU A 173 3.91 12.28 -14.97
N VAL A 174 4.45 11.59 -13.98
CA VAL A 174 4.65 12.20 -12.67
C VAL A 174 6.09 12.75 -12.60
N VAL A 175 7.03 11.97 -13.13
CA VAL A 175 8.44 12.37 -13.18
C VAL A 175 8.54 13.69 -13.91
N SER A 176 7.79 13.80 -14.99
CA SER A 176 7.78 15.00 -15.82
C SER A 176 6.61 15.94 -15.57
N THR A 177 6.31 16.11 -14.29
CA THR A 177 5.27 17.01 -13.80
C THR A 177 4.03 17.28 -14.65
N LYS A 178 3.29 16.26 -15.05
CA LYS A 178 2.07 16.51 -15.82
C LYS A 178 0.88 16.15 -14.93
N PRO A 179 -0.34 16.56 -15.31
CA PRO A 179 -1.50 16.24 -14.48
C PRO A 179 -1.80 14.77 -14.69
N TYR A 180 -2.28 14.08 -13.65
CA TYR A 180 -2.55 12.67 -13.81
C TYR A 180 -3.74 12.18 -13.03
N ASN A 181 -4.43 11.21 -13.61
CA ASN A 181 -5.60 10.61 -12.98
C ASN A 181 -5.13 9.35 -12.28
N LYS A 182 -6.07 8.47 -11.95
CA LYS A 182 -5.75 7.24 -11.24
C LYS A 182 -5.00 6.22 -12.07
N SER A 183 -4.72 6.53 -13.34
CA SER A 183 -4.04 5.54 -14.17
C SER A 183 -2.57 5.32 -13.83
N ILE A 184 -1.96 6.21 -13.05
CA ILE A 184 -0.56 6.01 -12.65
C ILE A 184 -0.48 4.73 -11.83
N ASP A 185 -1.56 4.45 -11.10
CA ASP A 185 -1.66 3.24 -10.27
C ASP A 185 -1.48 1.98 -11.09
N TRP A 186 -1.88 2.01 -12.36
CA TRP A 186 -1.76 0.84 -13.21
C TRP A 186 -0.34 0.67 -13.73
N TRP A 187 0.38 1.77 -13.83
CA TRP A 187 1.77 1.74 -14.25
C TRP A 187 2.54 1.06 -13.12
N SER A 188 2.36 1.59 -11.91
CA SER A 188 3.02 1.07 -10.72
C SER A 188 2.66 -0.40 -10.53
N PHE A 189 1.42 -0.76 -10.86
CA PHE A 189 0.95 -2.13 -10.73
C PHE A 189 1.78 -3.02 -11.65
N GLY A 190 2.07 -2.53 -12.86
CA GLY A 190 2.85 -3.29 -13.81
C GLY A 190 4.28 -3.47 -13.32
N ILE A 191 4.80 -2.48 -12.62
CA ILE A 191 6.16 -2.57 -12.11
C ILE A 191 6.21 -3.55 -10.93
N LEU A 192 5.17 -3.58 -10.12
CA LEU A 192 5.13 -4.52 -9.00
C LEU A 192 5.18 -5.93 -9.55
N ILE A 193 4.45 -6.17 -10.62
CA ILE A 193 4.41 -7.49 -11.25
C ILE A 193 5.75 -7.85 -11.88
N TYR A 194 6.39 -6.87 -12.52
CA TYR A 194 7.68 -7.13 -13.15
C TYR A 194 8.70 -7.54 -12.07
N GLU A 195 8.65 -6.89 -10.92
CA GLU A 195 9.58 -7.19 -9.85
C GLU A 195 9.34 -8.51 -9.15
N MET A 196 8.07 -8.90 -9.00
CA MET A 196 7.77 -10.17 -8.34
C MET A 196 8.33 -11.31 -9.21
N LEU A 197 8.33 -11.09 -10.52
CA LEU A 197 8.79 -12.08 -11.48
C LEU A 197 10.27 -12.02 -11.90
N ALA A 198 10.92 -10.87 -11.75
CA ALA A 198 12.31 -10.77 -12.16
C ALA A 198 13.26 -10.70 -10.98
N GLY A 199 12.85 -9.98 -9.94
CA GLY A 199 13.68 -9.83 -8.76
C GLY A 199 14.13 -8.39 -8.70
N TYR A 200 13.94 -7.67 -9.81
CA TYR A 200 14.31 -6.27 -9.90
C TYR A 200 13.28 -5.46 -10.68
N THR A 201 13.36 -4.15 -10.52
CA THR A 201 12.50 -3.22 -11.21
C THR A 201 13.11 -3.08 -12.62
N PRO A 202 12.31 -2.69 -13.62
CA PRO A 202 12.83 -2.54 -14.99
C PRO A 202 13.81 -1.40 -15.23
N PHE A 203 13.58 -0.25 -14.61
CA PHE A 203 14.44 0.90 -14.81
C PHE A 203 15.38 1.25 -13.66
N TYR A 204 15.64 0.28 -12.79
CA TYR A 204 16.52 0.48 -11.64
C TYR A 204 17.89 1.11 -11.97
N ASP A 205 18.42 1.83 -10.98
CA ASP A 205 19.72 2.47 -11.07
C ASP A 205 20.08 3.12 -9.74
N SER A 206 21.10 2.57 -9.09
CA SER A 206 21.59 3.05 -7.80
C SER A 206 21.35 4.54 -7.48
N ASN A 207 21.49 5.40 -8.49
CA ASN A 207 21.29 6.84 -8.32
C ASN A 207 19.90 7.28 -8.79
N THR A 208 19.31 8.26 -8.12
CA THR A 208 17.98 8.71 -8.50
C THR A 208 17.79 9.23 -9.91
N MET A 209 18.37 10.38 -10.25
CA MET A 209 18.16 10.92 -11.59
C MET A 209 18.45 9.92 -12.69
N LYS A 210 19.48 9.10 -12.53
CA LYS A 210 19.77 8.11 -13.56
C LYS A 210 18.50 7.29 -13.72
N THR A 211 17.73 7.16 -12.63
CA THR A 211 16.48 6.40 -12.60
C THR A 211 15.31 7.11 -13.25
N TYR A 212 15.07 8.37 -12.86
CA TYR A 212 14.00 9.13 -13.48
C TYR A 212 14.30 9.21 -14.98
N GLU A 213 15.55 8.96 -15.33
CA GLU A 213 16.01 8.98 -16.72
C GLU A 213 15.43 7.84 -17.52
N LYS A 214 15.81 6.61 -17.15
CA LYS A 214 15.32 5.41 -17.82
C LYS A 214 13.78 5.42 -17.82
N ILE A 215 13.19 5.60 -16.64
CA ILE A 215 11.74 5.65 -16.53
C ILE A 215 11.21 6.49 -17.68
N LEU A 216 11.79 7.68 -17.81
CA LEU A 216 11.41 8.63 -18.84
C LEU A 216 11.81 8.24 -20.28
N ASN A 217 13.02 7.72 -20.44
CA ASN A 217 13.54 7.36 -21.75
C ASN A 217 14.20 5.99 -21.91
N ALA A 218 13.54 4.90 -21.51
CA ALA A 218 14.19 3.59 -21.66
C ALA A 218 13.34 2.41 -22.14
N GLU A 219 13.99 1.53 -22.88
CA GLU A 219 13.37 0.34 -23.45
C GLU A 219 12.90 -0.64 -22.40
N LEU A 220 11.71 -1.18 -22.60
CA LEU A 220 11.20 -2.18 -21.68
C LEU A 220 11.62 -3.54 -22.24
N ARG A 221 12.57 -4.18 -21.57
CA ARG A 221 13.10 -5.48 -21.97
C ARG A 221 12.67 -6.51 -20.94
N PHE A 222 12.15 -7.65 -21.39
CA PHE A 222 11.70 -8.69 -20.45
C PHE A 222 12.62 -9.90 -20.34
N PRO A 223 12.71 -10.49 -19.14
CA PRO A 223 13.56 -11.68 -18.97
C PRO A 223 12.87 -12.83 -19.71
N PRO A 224 13.67 -13.72 -20.33
CA PRO A 224 13.20 -14.89 -21.08
C PRO A 224 12.07 -15.75 -20.49
N PHE A 225 12.23 -16.20 -19.25
CA PHE A 225 11.21 -17.03 -18.63
C PHE A 225 9.83 -16.38 -18.47
N PHE A 226 9.69 -15.14 -18.90
CA PHE A 226 8.41 -14.43 -18.80
C PHE A 226 7.49 -15.01 -19.84
N ASN A 227 6.35 -15.57 -19.43
CA ASN A 227 5.43 -16.11 -20.42
C ASN A 227 4.83 -14.93 -21.16
N GLU A 228 4.48 -15.14 -22.43
CA GLU A 228 3.91 -14.11 -23.29
C GLU A 228 2.88 -13.25 -22.58
N ASP A 229 1.82 -13.88 -22.08
CA ASP A 229 0.78 -13.17 -21.35
C ASP A 229 1.36 -12.06 -20.48
N VAL A 230 2.11 -12.42 -19.43
CA VAL A 230 2.69 -11.41 -18.56
C VAL A 230 3.41 -10.38 -19.42
N LYS A 231 4.13 -10.85 -20.43
CA LYS A 231 4.85 -9.94 -21.31
C LYS A 231 3.88 -9.00 -21.99
N ASP A 232 2.69 -9.48 -22.31
CA ASP A 232 1.70 -8.62 -22.98
C ASP A 232 1.08 -7.65 -22.00
N LEU A 233 0.64 -8.17 -20.85
CA LEU A 233 0.05 -7.38 -19.80
C LEU A 233 1.02 -6.24 -19.45
N LEU A 234 2.21 -6.60 -18.96
CA LEU A 234 3.22 -5.61 -18.61
C LEU A 234 3.46 -4.63 -19.74
N SER A 235 3.35 -5.12 -20.96
CA SER A 235 3.57 -4.27 -22.11
C SER A 235 2.48 -3.24 -22.29
N ARG A 236 1.29 -3.55 -21.79
CA ARG A 236 0.14 -2.64 -21.90
C ARG A 236 0.09 -1.79 -20.64
N LEU A 237 0.46 -2.40 -19.52
CA LEU A 237 0.46 -1.72 -18.24
C LEU A 237 1.57 -0.68 -18.17
N ILE A 238 2.81 -1.09 -18.44
CA ILE A 238 3.95 -0.18 -18.38
C ILE A 238 4.17 0.62 -19.66
N THR A 239 3.12 1.25 -20.18
CA THR A 239 3.26 2.03 -21.40
C THR A 239 3.32 3.52 -21.07
N ARG A 240 4.00 4.29 -21.90
CA ARG A 240 4.13 5.73 -21.67
C ARG A 240 2.97 6.50 -22.27
N ASP A 241 2.24 5.88 -23.18
CA ASP A 241 1.11 6.52 -23.84
C ASP A 241 -0.21 6.10 -23.20
N LEU A 242 -0.79 7.03 -22.43
CA LEU A 242 -2.03 6.79 -21.70
C LEU A 242 -3.25 6.41 -22.53
N SER A 243 -3.14 6.53 -23.86
CA SER A 243 -4.22 6.18 -24.76
C SER A 243 -4.28 4.66 -24.91
N GLN A 244 -3.17 4.01 -24.56
CA GLN A 244 -3.07 2.57 -24.68
C GLN A 244 -2.92 1.80 -23.35
N ARG A 245 -2.56 2.51 -22.27
CA ARG A 245 -2.36 1.88 -20.96
C ARG A 245 -3.60 1.24 -20.36
N LEU A 246 -3.50 -0.06 -20.06
CA LEU A 246 -4.61 -0.78 -19.44
C LEU A 246 -5.03 -0.19 -18.11
N GLY A 247 -6.34 -0.05 -17.93
CA GLY A 247 -6.91 0.51 -16.71
C GLY A 247 -7.45 1.88 -17.01
N ASN A 248 -6.90 2.52 -18.03
CA ASN A 248 -7.32 3.87 -18.40
C ASN A 248 -8.13 3.84 -19.69
N LEU A 249 -8.76 2.71 -19.97
CA LEU A 249 -9.52 2.60 -21.19
C LEU A 249 -11.04 2.60 -21.03
N GLN A 250 -11.73 2.39 -22.15
CA GLN A 250 -13.18 2.37 -22.19
C GLN A 250 -13.87 1.57 -21.11
N ASN A 251 -13.21 0.57 -20.54
CA ASN A 251 -13.85 -0.25 -19.52
C ASN A 251 -13.14 -0.24 -18.17
N GLY A 252 -12.30 0.76 -17.96
CA GLY A 252 -11.59 0.88 -16.69
C GLY A 252 -10.92 -0.39 -16.19
N THR A 253 -11.15 -0.70 -14.92
CA THR A 253 -10.55 -1.87 -14.30
C THR A 253 -10.84 -3.15 -15.06
N GLU A 254 -12.03 -3.24 -15.65
CA GLU A 254 -12.44 -4.43 -16.38
C GLU A 254 -11.42 -4.98 -17.40
N ASP A 255 -10.71 -4.09 -18.10
CA ASP A 255 -9.69 -4.51 -19.06
C ASP A 255 -8.50 -5.19 -18.40
N VAL A 256 -8.23 -4.84 -17.14
CA VAL A 256 -7.13 -5.44 -16.40
C VAL A 256 -7.65 -6.77 -15.88
N LYS A 257 -8.81 -6.72 -15.22
CA LYS A 257 -9.41 -7.92 -14.68
C LYS A 257 -9.69 -8.97 -15.75
N ASN A 258 -9.89 -8.52 -17.00
CA ASN A 258 -10.16 -9.46 -18.09
C ASN A 258 -8.95 -9.80 -18.96
N HIS A 259 -7.75 -9.52 -18.49
CA HIS A 259 -6.59 -9.86 -19.30
C HIS A 259 -6.42 -11.37 -19.24
N PRO A 260 -5.89 -11.98 -20.32
CA PRO A 260 -5.69 -13.43 -20.35
C PRO A 260 -4.91 -13.93 -19.14
N TRP A 261 -3.91 -13.15 -18.72
CA TRP A 261 -3.09 -13.53 -17.57
C TRP A 261 -3.96 -13.80 -16.34
N PHE A 262 -5.18 -13.25 -16.31
CA PHE A 262 -6.10 -13.48 -15.19
C PHE A 262 -7.37 -14.15 -15.72
N LYS A 263 -7.23 -15.34 -16.31
CA LYS A 263 -8.40 -16.03 -16.84
C LYS A 263 -9.01 -16.93 -15.78
N GLU A 264 -8.17 -17.79 -15.20
CA GLU A 264 -8.58 -18.73 -14.17
C GLU A 264 -8.78 -18.07 -12.82
N VAL A 265 -9.09 -16.78 -12.80
CA VAL A 265 -9.29 -16.13 -11.53
C VAL A 265 -10.76 -15.76 -11.36
N VAL A 266 -11.36 -16.28 -10.30
CA VAL A 266 -12.74 -15.98 -9.99
C VAL A 266 -12.66 -14.80 -9.04
N TRP A 267 -12.69 -13.60 -9.59
CA TRP A 267 -12.59 -12.40 -8.79
C TRP A 267 -13.55 -12.44 -7.60
N GLU A 268 -14.65 -13.18 -7.75
CA GLU A 268 -15.65 -13.32 -6.69
C GLU A 268 -15.19 -14.25 -5.57
N LYS A 269 -14.61 -15.39 -5.91
CA LYS A 269 -14.11 -16.30 -4.88
C LYS A 269 -12.99 -15.64 -4.10
N LEU A 270 -12.09 -14.98 -4.83
CA LEU A 270 -10.94 -14.33 -4.22
C LEU A 270 -11.36 -13.21 -3.27
N LEU A 271 -12.33 -12.42 -3.72
CA LEU A 271 -12.83 -11.28 -2.95
C LEU A 271 -13.49 -11.69 -1.65
N SER A 272 -13.82 -12.96 -1.53
CA SER A 272 -14.48 -13.47 -0.34
C SER A 272 -13.50 -14.23 0.55
N ARG A 273 -12.22 -14.24 0.16
CA ARG A 273 -11.22 -14.95 0.92
C ARG A 273 -11.65 -16.41 1.13
N ASN A 274 -12.49 -16.89 0.22
CA ASN A 274 -12.98 -18.27 0.25
C ASN A 274 -12.31 -18.96 -0.92
N ILE A 275 -10.99 -18.99 -0.84
CA ILE A 275 -10.16 -19.58 -1.85
C ILE A 275 -8.89 -20.00 -1.12
N GLU A 276 -8.00 -20.70 -1.79
CA GLU A 276 -6.77 -21.13 -1.14
C GLU A 276 -5.60 -20.22 -1.46
N THR A 277 -4.67 -20.12 -0.52
CA THR A 277 -3.50 -19.26 -0.66
C THR A 277 -2.22 -20.05 -0.89
N PRO A 278 -1.31 -19.51 -1.72
CA PRO A 278 -0.02 -20.14 -2.04
C PRO A 278 1.07 -20.01 -0.96
N TYR A 279 0.67 -19.67 0.27
CA TYR A 279 1.61 -19.50 1.36
C TYR A 279 0.89 -18.97 2.59
N GLU A 280 1.19 -19.55 3.74
CA GLU A 280 0.59 -19.13 5.00
C GLU A 280 1.72 -18.70 5.93
N PRO A 281 1.87 -17.42 6.23
CA PRO A 281 2.96 -16.99 7.15
C PRO A 281 2.87 -17.67 8.54
N PRO A 282 3.99 -17.98 9.18
CA PRO A 282 3.98 -18.67 10.48
C PRO A 282 4.01 -17.91 11.84
N ILE A 283 3.73 -18.70 12.90
CA ILE A 283 3.70 -18.45 14.39
C ILE A 283 4.76 -17.41 14.80
N ASP A 300 11.15 7.44 26.20
CA ASP A 300 10.12 7.04 27.20
C ASP A 300 8.83 6.43 26.68
N ILE A 301 8.07 5.86 27.62
CA ILE A 301 6.79 5.25 27.36
C ILE A 301 5.84 5.64 28.50
N ASN A 302 5.30 6.86 28.38
CA ASN A 302 4.41 7.41 29.39
C ASN A 302 3.02 7.72 28.85
N TYR A 303 2.44 6.78 28.10
CA TYR A 303 1.13 6.98 27.52
C TYR A 303 0.09 7.32 28.58
N GLY A 304 -0.81 8.25 28.26
CA GLY A 304 -1.83 8.64 29.21
C GLY A 304 -1.63 10.04 29.78
N VAL A 305 -0.38 10.41 30.00
CA VAL A 305 -0.04 11.73 30.54
C VAL A 305 -0.96 12.76 29.92
N GLN A 306 -1.24 13.85 30.64
CA GLN A 306 -2.09 14.85 30.02
C GLN A 306 -2.06 16.26 30.58
N GLY A 307 -0.91 16.90 30.47
CA GLY A 307 -0.80 18.28 30.91
C GLY A 307 -1.46 19.11 29.83
N GLU A 308 -0.84 20.22 29.47
CA GLU A 308 -1.38 21.08 28.43
C GLU A 308 -0.80 20.60 27.11
N ASP A 309 -1.59 20.66 26.04
CA ASP A 309 -1.12 20.23 24.74
C ASP A 309 -1.19 21.36 23.71
N PRO A 310 -0.04 21.99 23.44
CA PRO A 310 0.11 23.10 22.50
C PRO A 310 -0.36 22.74 21.10
N TYR A 311 -0.51 21.44 20.86
CA TYR A 311 -0.88 20.94 19.55
C TYR A 311 -2.34 20.58 19.33
N ALA A 312 -3.09 20.35 20.40
CA ALA A 312 -4.50 19.99 20.29
C ALA A 312 -5.15 20.59 19.06
N ASP A 313 -5.03 21.89 18.90
CA ASP A 313 -5.58 22.62 17.76
C ASP A 313 -5.35 21.89 16.42
N LEU A 314 -4.27 21.13 16.34
CA LEU A 314 -3.91 20.40 15.12
C LEU A 314 -4.29 18.93 15.06
N PHE A 315 -4.50 18.31 16.21
CA PHE A 315 -4.88 16.89 16.25
C PHE A 315 -6.23 16.81 16.97
N ARG A 316 -7.22 17.35 16.28
CA ARG A 316 -8.57 17.36 16.82
C ARG A 316 -9.42 16.17 16.39
N ASP A 317 -9.31 15.81 15.12
CA ASP A 317 -10.00 14.64 14.61
C ASP A 317 -9.53 13.33 15.19
N PHE A 318 -8.45 13.35 15.97
CA PHE A 318 -7.91 12.12 16.53
C PHE A 318 -8.59 11.59 17.80
#